data_5PHK
#
_entry.id   5PHK
#
_cell.length_a   71.502
_cell.length_b   71.502
_cell.length_c   150.880
_cell.angle_alpha   90.000
_cell.angle_beta   90.000
_cell.angle_gamma   90.000
#
_symmetry.space_group_name_H-M   'P 43 21 2'
#
loop_
_entity.id
_entity.type
_entity.pdbx_description
1 polymer 'Lysine-specific demethylase 4D'
2 non-polymer 'ZINC ION'
3 non-polymer 'NICKEL (II) ION'
4 non-polymer N-OXALYLGLYCINE
5 non-polymer 1,2-ETHANEDIOL
6 non-polymer 'SULFATE ION'
7 non-polymer BENZIMIDAZOLE
8 water water
#
_entity_poly.entity_id   1
_entity_poly.type   'polypeptide(L)'
_entity_poly.pdbx_seq_one_letter_code
;MHHHHHHSSGVDLGTENLYFQSMETMKSKANCAQNPNCNIMIFHPTKEEFNDFDKYIAYMESQGAHRAGLAKIIPPKEWK
ARETYDNISEILIATPLQQVASGRAGVFTQYHKKKKAMTVGEYRHLANSKKYQTPPHQNFEDLERKYWKNRIYNSPIYGA
DISGSLFDENTKQWNLGHLGTIQDLLEKECGVVIEGVNTPYLYFGMWKTTFAWHTEDMDLYSINYLHLGEPKTWYVVPPE
HGQRLERLARELFPGSSRGCGAFLRHKVALISPTVLKENGIPFNRITQEAGEFMVTFPYGYHAGFNHGFNCAEAINFATP
RWIDYGKMASQCSCGEARVTFSMDAFVRILQPERYDLWKRGQDR
;
_entity_poly.pdbx_strand_id   A
#
# COMPACT_ATOMS: atom_id res chain seq x y z
N ALA A 33 25.30 -12.33 -2.81
CA ALA A 33 24.00 -11.79 -2.37
C ALA A 33 22.83 -12.42 -3.13
N GLN A 34 21.78 -12.73 -2.38
CA GLN A 34 20.58 -13.35 -2.94
CA GLN A 34 20.60 -13.35 -2.95
C GLN A 34 19.74 -12.35 -3.74
N ASN A 35 19.17 -12.81 -4.85
CA ASN A 35 18.28 -11.99 -5.68
C ASN A 35 18.91 -10.66 -6.13
N PRO A 36 20.10 -10.71 -6.74
CA PRO A 36 20.79 -9.44 -7.07
C PRO A 36 20.08 -8.59 -8.11
N ASN A 37 19.26 -9.19 -8.98
CA ASN A 37 18.51 -8.42 -9.96
C ASN A 37 17.23 -7.84 -9.38
N CYS A 38 16.93 -8.13 -8.11
CA CYS A 38 15.78 -7.52 -7.41
C CYS A 38 14.43 -7.91 -8.04
N ASN A 39 14.33 -9.18 -8.45
CA ASN A 39 13.06 -9.71 -8.96
C ASN A 39 12.02 -9.90 -7.87
N ILE A 40 10.75 -9.70 -8.22
CA ILE A 40 9.66 -10.06 -7.31
C ILE A 40 9.60 -11.58 -7.16
N MET A 41 9.72 -12.07 -5.93
CA MET A 41 9.67 -13.50 -5.66
C MET A 41 8.27 -13.92 -5.19
N ILE A 42 7.92 -15.17 -5.49
CA ILE A 42 6.62 -15.76 -5.15
C ILE A 42 6.90 -16.97 -4.26
N PHE A 43 6.20 -17.03 -3.13
CA PHE A 43 6.42 -18.08 -2.13
C PHE A 43 5.18 -18.94 -1.95
N HIS A 44 5.40 -20.24 -1.73
CA HIS A 44 4.35 -21.22 -1.50
C HIS A 44 4.57 -21.96 -0.19
N PRO A 45 4.36 -21.28 0.96
CA PRO A 45 4.58 -21.95 2.25
C PRO A 45 3.66 -23.14 2.48
N THR A 46 4.18 -24.16 3.14
CA THR A 46 3.37 -25.27 3.61
C THR A 46 2.56 -24.83 4.81
N LYS A 47 1.58 -25.63 5.22
CA LYS A 47 0.79 -25.24 6.38
C LYS A 47 1.67 -25.17 7.64
N GLU A 48 2.70 -26.02 7.73
CA GLU A 48 3.62 -25.93 8.86
C GLU A 48 4.44 -24.63 8.83
N GLU A 49 4.88 -24.24 7.65
CA GLU A 49 5.63 -23.00 7.49
C GLU A 49 4.77 -21.75 7.72
N PHE A 50 3.46 -21.91 7.66
CA PHE A 50 2.52 -20.80 7.75
C PHE A 50 2.14 -20.49 9.21
N ASN A 51 2.71 -21.24 10.15
CA ASN A 51 2.37 -21.02 11.55
C ASN A 51 3.02 -19.78 12.15
N ASP A 52 4.32 -19.61 11.89
CA ASP A 52 5.12 -18.58 12.52
C ASP A 52 5.38 -17.44 11.53
N PHE A 53 4.61 -16.37 11.66
CA PHE A 53 4.65 -15.26 10.71
C PHE A 53 6.05 -14.62 10.63
N ASP A 54 6.58 -14.22 11.79
N ASP A 54 6.59 -14.26 11.79
CA ASP A 54 7.89 -13.57 11.83
CA ASP A 54 7.87 -13.56 11.82
C ASP A 54 8.97 -14.44 11.19
C ASP A 54 9.02 -14.42 11.28
N LYS A 55 8.95 -15.72 11.52
CA LYS A 55 9.95 -16.65 11.00
C LYS A 55 9.89 -16.72 9.47
N TYR A 56 8.68 -16.70 8.90
CA TYR A 56 8.59 -16.82 7.46
C TYR A 56 9.02 -15.52 6.76
N ILE A 57 8.72 -14.36 7.34
CA ILE A 57 9.24 -13.12 6.77
C ILE A 57 10.77 -13.14 6.75
N ALA A 58 11.36 -13.57 7.87
CA ALA A 58 12.83 -13.68 7.93
C ALA A 58 13.36 -14.66 6.88
N TYR A 59 12.66 -15.77 6.67
CA TYR A 59 13.06 -16.73 5.65
C TYR A 59 13.03 -16.11 4.25
N MET A 60 11.94 -15.40 3.93
N MET A 60 11.94 -15.41 3.92
CA MET A 60 11.83 -14.75 2.63
CA MET A 60 11.84 -14.75 2.62
C MET A 60 13.01 -13.80 2.40
C MET A 60 13.01 -13.80 2.41
N GLU A 61 13.37 -13.03 3.44
CA GLU A 61 14.49 -12.11 3.33
C GLU A 61 15.83 -12.86 3.17
N SER A 62 15.97 -14.02 3.80
CA SER A 62 17.19 -14.83 3.64
C SER A 62 17.37 -15.25 2.17
N GLN A 63 16.27 -15.28 1.42
CA GLN A 63 16.31 -15.64 0.00
C GLN A 63 16.37 -14.40 -0.89
N GLY A 64 16.47 -13.22 -0.29
CA GLY A 64 16.60 -11.98 -1.03
C GLY A 64 15.30 -11.32 -1.45
N ALA A 65 14.16 -11.75 -0.90
CA ALA A 65 12.88 -11.24 -1.38
C ALA A 65 12.76 -9.72 -1.23
N HIS A 66 13.29 -9.18 -0.14
CA HIS A 66 13.15 -7.75 0.13
C HIS A 66 13.83 -6.87 -0.91
N ARG A 67 14.79 -7.41 -1.66
CA ARG A 67 15.49 -6.56 -2.61
CA ARG A 67 15.52 -6.62 -2.66
C ARG A 67 14.55 -6.04 -3.71
N ALA A 68 13.47 -6.77 -3.99
CA ALA A 68 12.48 -6.32 -4.96
C ALA A 68 11.61 -5.18 -4.45
N GLY A 69 11.39 -5.12 -3.13
CA GLY A 69 10.43 -4.19 -2.55
C GLY A 69 9.05 -4.78 -2.34
N LEU A 70 8.78 -5.94 -2.96
CA LEU A 70 7.46 -6.56 -2.99
C LEU A 70 7.62 -8.07 -3.16
N ALA A 71 6.84 -8.86 -2.44
CA ALA A 71 6.78 -10.32 -2.62
C ALA A 71 5.34 -10.79 -2.63
N LYS A 72 5.07 -11.89 -3.33
CA LYS A 72 3.77 -12.55 -3.29
C LYS A 72 3.86 -13.81 -2.43
N ILE A 73 2.86 -14.04 -1.59
CA ILE A 73 2.78 -15.27 -0.80
C ILE A 73 1.44 -15.95 -1.07
N ILE A 74 1.49 -17.17 -1.61
CA ILE A 74 0.29 -17.95 -1.87
C ILE A 74 0.08 -18.87 -0.67
N PRO A 75 -1.06 -18.73 0.04
CA PRO A 75 -1.28 -19.54 1.24
C PRO A 75 -1.41 -21.02 0.92
N PRO A 76 -1.13 -21.88 1.92
CA PRO A 76 -1.37 -23.32 1.76
C PRO A 76 -2.81 -23.61 1.34
N LYS A 77 -3.01 -24.68 0.57
CA LYS A 77 -4.36 -25.01 0.08
C LYS A 77 -5.34 -25.29 1.22
N GLU A 78 -4.83 -25.62 2.40
CA GLU A 78 -5.67 -25.96 3.54
C GLU A 78 -6.18 -24.72 4.28
N TRP A 79 -5.65 -23.56 3.94
CA TRP A 79 -5.93 -22.32 4.68
C TRP A 79 -7.08 -21.52 4.10
N LYS A 80 -7.80 -20.83 4.97
CA LYS A 80 -8.79 -19.87 4.52
CA LYS A 80 -8.86 -19.91 4.58
C LYS A 80 -8.88 -18.70 5.49
N ALA A 81 -9.21 -17.52 4.95
CA ALA A 81 -9.34 -16.32 5.77
C ALA A 81 -10.62 -16.33 6.61
N ARG A 82 -11.70 -16.82 6.00
CA ARG A 82 -13.03 -16.91 6.62
C ARG A 82 -13.84 -17.91 5.82
N GLU A 83 -15.03 -18.26 6.31
CA GLU A 83 -15.83 -19.28 5.64
C GLU A 83 -16.40 -18.81 4.30
N THR A 84 -17.09 -17.68 4.29
CA THR A 84 -17.65 -17.14 3.04
C THR A 84 -17.66 -15.62 3.09
N TYR A 85 -17.89 -15.01 1.92
CA TYR A 85 -18.03 -13.56 1.81
C TYR A 85 -19.47 -13.18 1.50
N ASP A 86 -20.40 -14.08 1.84
CA ASP A 86 -21.80 -13.90 1.48
C ASP A 86 -22.53 -12.81 2.26
N ASN A 87 -21.98 -12.38 3.39
CA ASN A 87 -22.72 -11.48 4.29
C ASN A 87 -22.02 -10.14 4.56
N ILE A 88 -21.30 -9.62 3.57
CA ILE A 88 -20.53 -8.39 3.78
C ILE A 88 -21.20 -7.12 3.22
N SER A 89 -22.40 -7.25 2.66
CA SER A 89 -22.98 -6.13 1.92
C SER A 89 -23.41 -4.96 2.79
N GLU A 90 -23.54 -5.17 4.10
CA GLU A 90 -24.01 -4.12 5.02
C GLU A 90 -22.87 -3.32 5.66
N ILE A 91 -21.62 -3.68 5.38
CA ILE A 91 -20.47 -2.84 5.75
C ILE A 91 -20.68 -1.45 5.15
N LEU A 92 -20.41 -0.40 5.92
CA LEU A 92 -20.55 0.97 5.44
C LEU A 92 -19.22 1.57 4.97
N ILE A 93 -19.25 2.15 3.77
CA ILE A 93 -18.18 3.00 3.28
C ILE A 93 -18.63 4.44 3.58
N ALA A 94 -18.19 4.98 4.71
CA ALA A 94 -18.67 6.28 5.19
C ALA A 94 -18.31 7.42 4.26
N THR A 95 -17.12 7.33 3.65
CA THR A 95 -16.64 8.40 2.78
C THR A 95 -15.97 7.83 1.53
N PRO A 96 -16.78 7.38 0.56
CA PRO A 96 -16.20 6.95 -0.71
C PRO A 96 -15.44 8.10 -1.37
N LEU A 97 -14.37 7.79 -2.07
CA LEU A 97 -13.53 8.83 -2.68
C LEU A 97 -13.50 8.73 -4.20
N GLN A 98 -13.88 9.81 -4.86
CA GLN A 98 -13.82 9.88 -6.32
C GLN A 98 -12.44 10.38 -6.73
N GLN A 99 -11.73 9.59 -7.54
CA GLN A 99 -10.33 9.86 -7.84
C GLN A 99 -10.21 10.59 -9.18
N VAL A 100 -10.09 11.92 -9.09
CA VAL A 100 -10.11 12.78 -10.27
C VAL A 100 -8.69 13.08 -10.72
N ALA A 101 -8.37 12.78 -11.98
CA ALA A 101 -7.00 12.93 -12.49
C ALA A 101 -6.74 14.25 -13.21
N SER A 102 -5.48 14.69 -13.17
CA SER A 102 -5.00 15.84 -13.93
C SER A 102 -3.62 15.57 -14.48
N GLY A 103 -3.36 15.94 -15.74
CA GLY A 103 -2.05 15.77 -16.32
C GLY A 103 -2.13 15.09 -17.66
N ARG A 104 -1.23 14.15 -17.89
N ARG A 104 -1.19 14.19 -17.93
CA ARG A 104 -1.19 13.38 -19.12
CA ARG A 104 -1.20 13.41 -19.17
C ARG A 104 -1.40 11.92 -18.79
C ARG A 104 -1.27 11.92 -18.83
N ALA A 105 -1.58 11.10 -19.82
CA ALA A 105 -1.89 9.68 -19.61
C ALA A 105 -0.83 8.97 -18.78
N GLY A 106 0.43 9.28 -19.01
CA GLY A 106 1.52 8.59 -18.32
C GLY A 106 2.12 9.32 -17.12
N VAL A 107 1.73 10.57 -16.91
CA VAL A 107 2.23 11.40 -15.79
C VAL A 107 1.08 12.27 -15.29
N PHE A 108 0.49 11.89 -14.16
CA PHE A 108 -0.69 12.61 -13.67
C PHE A 108 -0.77 12.57 -12.17
N THR A 109 -1.52 13.50 -11.60
CA THR A 109 -1.87 13.44 -10.19
C THR A 109 -3.36 13.13 -10.06
N GLN A 110 -3.77 12.71 -8.87
CA GLN A 110 -5.18 12.52 -8.62
C GLN A 110 -5.54 13.17 -7.29
N TYR A 111 -6.73 13.75 -7.27
CA TYR A 111 -7.23 14.24 -5.99
CA TYR A 111 -7.36 14.41 -6.13
C TYR A 111 -8.50 13.50 -5.64
N HIS A 112 -8.77 13.47 -4.33
CA HIS A 112 -9.87 12.67 -3.82
C HIS A 112 -11.05 13.55 -3.44
N LYS A 113 -12.14 13.41 -4.19
CA LYS A 113 -13.37 14.15 -3.92
C LYS A 113 -14.29 13.28 -3.06
N LYS A 114 -14.70 13.81 -1.90
CA LYS A 114 -15.54 13.04 -1.00
C LYS A 114 -16.96 12.88 -1.55
N LYS A 115 -17.50 11.67 -1.44
CA LYS A 115 -18.87 11.39 -1.88
C LYS A 115 -19.73 10.95 -0.70
N LYS A 116 -21.05 10.91 -0.89
CA LYS A 116 -21.96 10.44 0.15
C LYS A 116 -21.76 8.96 0.51
N ALA A 117 -22.05 8.63 1.76
CA ALA A 117 -21.86 7.26 2.26
C ALA A 117 -22.68 6.25 1.47
N MET A 118 -22.16 5.04 1.34
N MET A 118 -22.09 5.07 1.28
CA MET A 118 -22.90 3.95 0.74
CA MET A 118 -22.76 3.92 0.66
C MET A 118 -22.42 2.62 1.32
C MET A 118 -22.45 2.64 1.45
N THR A 119 -23.30 1.64 1.31
CA THR A 119 -22.94 0.30 1.80
C THR A 119 -22.08 -0.41 0.75
N VAL A 120 -21.43 -1.49 1.16
CA VAL A 120 -20.66 -2.30 0.22
C VAL A 120 -21.56 -2.89 -0.87
N GLY A 121 -22.79 -3.27 -0.52
CA GLY A 121 -23.73 -3.74 -1.53
C GLY A 121 -24.04 -2.68 -2.58
N GLU A 122 -24.25 -1.44 -2.14
CA GLU A 122 -24.48 -0.35 -3.07
C GLU A 122 -23.24 -0.06 -3.91
N TYR A 123 -22.07 -0.14 -3.29
CA TYR A 123 -20.81 0.13 -3.98
C TYR A 123 -20.55 -0.93 -5.05
N ARG A 124 -20.81 -2.20 -4.74
CA ARG A 124 -20.63 -3.29 -5.70
C ARG A 124 -21.53 -3.07 -6.92
N HIS A 125 -22.79 -2.70 -6.68
CA HIS A 125 -23.69 -2.40 -7.77
C HIS A 125 -23.18 -1.24 -8.65
N LEU A 126 -22.64 -0.21 -8.01
CA LEU A 126 -22.06 0.92 -8.74
C LEU A 126 -20.86 0.47 -9.58
N ALA A 127 -19.99 -0.34 -8.98
CA ALA A 127 -18.80 -0.84 -9.68
C ALA A 127 -19.16 -1.63 -10.93
N ASN A 128 -20.29 -2.35 -10.87
CA ASN A 128 -20.69 -3.20 -11.97
CA ASN A 128 -20.74 -3.22 -11.95
C ASN A 128 -21.59 -2.49 -13.00
N SER A 129 -21.89 -1.23 -12.76
CA SER A 129 -22.74 -0.46 -13.68
C SER A 129 -22.01 -0.18 -14.99
N LYS A 130 -22.75 0.15 -16.04
CA LYS A 130 -22.11 0.40 -17.33
C LYS A 130 -21.05 1.51 -17.25
N LYS A 131 -21.28 2.53 -16.44
CA LYS A 131 -20.36 3.67 -16.33
CA LYS A 131 -20.37 3.66 -16.32
C LYS A 131 -19.00 3.28 -15.76
N TYR A 132 -18.99 2.31 -14.83
CA TYR A 132 -17.78 2.00 -14.08
C TYR A 132 -17.19 0.61 -14.29
N GLN A 133 -17.92 -0.28 -14.97
N GLN A 133 -17.92 -0.27 -14.98
CA GLN A 133 -17.48 -1.66 -15.06
CA GLN A 133 -17.50 -1.67 -15.07
C GLN A 133 -16.22 -1.84 -15.93
C GLN A 133 -16.28 -1.89 -15.97
N THR A 134 -15.48 -2.89 -15.62
CA THR A 134 -14.33 -3.31 -16.42
C THR A 134 -14.72 -3.54 -17.88
N PRO A 135 -13.94 -3.01 -18.83
CA PRO A 135 -14.23 -3.23 -20.25
C PRO A 135 -13.86 -4.65 -20.69
N PRO A 136 -14.40 -5.09 -21.85
CA PRO A 136 -13.92 -6.34 -22.46
C PRO A 136 -12.41 -6.29 -22.66
N HIS A 137 -11.73 -7.39 -22.41
CA HIS A 137 -10.28 -7.44 -22.57
C HIS A 137 -9.82 -8.88 -22.76
N GLN A 138 -8.65 -9.04 -23.39
CA GLN A 138 -8.18 -10.38 -23.75
C GLN A 138 -7.41 -11.09 -22.64
N ASN A 139 -6.70 -10.32 -21.83
CA ASN A 139 -5.86 -10.85 -20.76
C ASN A 139 -5.38 -9.70 -19.87
N PHE A 140 -4.56 -9.98 -18.86
CA PHE A 140 -4.11 -8.93 -17.94
C PHE A 140 -3.29 -7.86 -18.66
N GLU A 141 -2.47 -8.25 -19.63
CA GLU A 141 -1.63 -7.31 -20.37
CA GLU A 141 -1.63 -7.27 -20.32
C GLU A 141 -2.48 -6.32 -21.18
N ASP A 142 -3.53 -6.86 -21.79
CA ASP A 142 -4.47 -6.03 -22.56
C ASP A 142 -5.15 -5.01 -21.63
N LEU A 143 -5.59 -5.49 -20.46
CA LEU A 143 -6.25 -4.59 -19.52
C LEU A 143 -5.28 -3.52 -18.99
N GLU A 144 -4.03 -3.92 -18.76
CA GLU A 144 -2.99 -2.96 -18.34
C GLU A 144 -2.79 -1.84 -19.38
N ARG A 145 -2.75 -2.22 -20.66
N ARG A 145 -2.75 -2.23 -20.65
CA ARG A 145 -2.64 -1.23 -21.73
CA ARG A 145 -2.66 -1.28 -21.76
C ARG A 145 -3.83 -0.26 -21.70
C ARG A 145 -3.82 -0.28 -21.73
N LYS A 146 -5.03 -0.81 -21.55
CA LYS A 146 -6.23 0.03 -21.49
C LYS A 146 -6.21 0.97 -20.28
N TYR A 147 -5.74 0.47 -19.14
CA TYR A 147 -5.62 1.31 -17.94
C TYR A 147 -4.75 2.54 -18.22
N TRP A 148 -3.52 2.32 -18.72
CA TRP A 148 -2.63 3.47 -18.86
C TRP A 148 -3.03 4.38 -20.02
N LYS A 149 -3.72 3.84 -21.01
CA LYS A 149 -4.21 4.66 -22.12
CA LYS A 149 -4.21 4.66 -22.12
C LYS A 149 -5.35 5.58 -21.67
N ASN A 150 -6.25 5.04 -20.85
CA ASN A 150 -7.55 5.68 -20.61
C ASN A 150 -7.87 6.13 -19.19
N ARG A 151 -7.01 5.80 -18.22
CA ARG A 151 -7.30 6.11 -16.80
C ARG A 151 -7.70 7.56 -16.57
N ILE A 152 -6.98 8.51 -17.17
CA ILE A 152 -7.20 9.91 -16.76
C ILE A 152 -8.57 10.43 -17.21
N TYR A 153 -9.21 9.76 -18.17
CA TYR A 153 -10.48 10.24 -18.72
C TYR A 153 -11.70 9.78 -17.91
N ASN A 154 -11.45 9.10 -16.80
CA ASN A 154 -12.52 8.63 -15.92
C ASN A 154 -12.18 8.95 -14.47
N SER A 155 -13.19 8.95 -13.61
CA SER A 155 -12.99 9.21 -12.19
C SER A 155 -13.64 8.13 -11.34
N PRO A 156 -12.95 7.00 -11.16
CA PRO A 156 -13.51 5.88 -10.40
C PRO A 156 -13.65 6.23 -8.92
N ILE A 157 -14.49 5.48 -8.21
CA ILE A 157 -14.77 5.75 -6.80
C ILE A 157 -14.22 4.59 -5.99
N TYR A 158 -13.47 4.94 -4.93
N TYR A 158 -13.50 4.88 -4.92
CA TYR A 158 -12.72 4.00 -4.05
CA TYR A 158 -13.08 3.77 -4.10
C TYR A 158 -13.26 4.06 -2.60
C TYR A 158 -13.17 4.01 -2.63
N GLY A 159 -13.39 2.91 -1.94
CA GLY A 159 -13.58 2.89 -0.49
C GLY A 159 -12.25 2.60 0.16
N ALA A 160 -11.61 3.58 0.76
CA ALA A 160 -10.25 3.40 1.27
C ALA A 160 -10.14 3.60 2.76
N ASP A 161 -9.15 2.94 3.36
CA ASP A 161 -8.76 3.19 4.74
C ASP A 161 -9.94 3.05 5.70
N ILE A 162 -10.71 1.98 5.53
CA ILE A 162 -11.84 1.69 6.40
C ILE A 162 -11.36 0.77 7.53
N SER A 163 -11.36 1.27 8.76
N SER A 163 -11.31 1.28 8.75
CA SER A 163 -10.91 0.49 9.90
CA SER A 163 -10.84 0.46 9.87
C SER A 163 -11.76 -0.77 10.09
C SER A 163 -11.74 -0.77 10.03
N GLY A 164 -11.14 -1.96 10.06
CA GLY A 164 -11.89 -3.19 10.21
C GLY A 164 -11.12 -4.39 9.70
N SER A 165 -11.72 -5.57 9.86
CA SER A 165 -11.10 -6.81 9.40
C SER A 165 -12.17 -7.79 8.91
N LEU A 166 -11.82 -8.57 7.89
CA LEU A 166 -12.69 -9.66 7.42
C LEU A 166 -12.09 -11.04 7.73
N PHE A 167 -11.03 -11.09 8.52
CA PHE A 167 -10.52 -12.39 8.99
C PHE A 167 -11.38 -12.94 10.11
N ASP A 168 -11.74 -14.22 10.01
CA ASP A 168 -12.44 -14.91 11.08
C ASP A 168 -11.56 -14.91 12.34
N GLU A 169 -12.14 -14.65 13.50
CA GLU A 169 -11.34 -14.61 14.72
C GLU A 169 -10.66 -15.97 15.00
N ASN A 170 -11.22 -17.04 14.44
CA ASN A 170 -10.65 -18.37 14.61
C ASN A 170 -9.55 -18.72 13.61
N THR A 171 -9.30 -17.86 12.64
CA THR A 171 -8.17 -18.05 11.72
C THR A 171 -6.87 -17.73 12.45
N LYS A 172 -6.04 -18.74 12.67
CA LYS A 172 -4.87 -18.57 13.51
C LYS A 172 -3.61 -18.14 12.76
N GLN A 173 -3.56 -18.45 11.47
CA GLN A 173 -2.37 -18.17 10.67
C GLN A 173 -2.58 -16.95 9.77
N TRP A 174 -1.62 -16.04 9.77
CA TRP A 174 -1.60 -14.88 8.88
C TRP A 174 -2.92 -14.10 8.95
N ASN A 175 -3.42 -13.97 10.18
CA ASN A 175 -4.60 -13.17 10.46
C ASN A 175 -4.16 -11.73 10.67
N LEU A 176 -4.50 -10.85 9.73
CA LEU A 176 -3.97 -9.48 9.76
C LEU A 176 -4.50 -8.64 10.92
N GLY A 177 -5.52 -9.13 11.63
CA GLY A 177 -6.00 -8.49 12.85
C GLY A 177 -5.37 -9.03 14.12
N HIS A 178 -4.47 -10.00 14.00
CA HIS A 178 -3.81 -10.62 15.16
C HIS A 178 -2.28 -10.57 15.08
N LEU A 179 -1.73 -9.66 14.28
CA LEU A 179 -0.28 -9.54 14.18
C LEU A 179 0.34 -8.82 15.38
N GLY A 180 1.59 -9.15 15.69
CA GLY A 180 2.34 -8.40 16.68
C GLY A 180 2.39 -6.93 16.27
N THR A 181 2.26 -6.04 17.24
CA THR A 181 2.13 -4.62 16.93
C THR A 181 3.50 -3.96 16.71
N ILE A 182 3.50 -2.88 15.95
CA ILE A 182 4.72 -2.12 15.73
CA ILE A 182 4.73 -2.13 15.72
C ILE A 182 5.22 -1.49 17.04
N GLN A 183 4.29 -1.12 17.91
CA GLN A 183 4.69 -0.56 19.20
C GLN A 183 5.42 -1.60 20.05
N ASP A 184 4.96 -2.84 20.02
CA ASP A 184 5.65 -3.89 20.76
C ASP A 184 6.99 -4.24 20.13
N LEU A 185 7.08 -4.17 18.81
CA LEU A 185 8.36 -4.40 18.15
C LEU A 185 9.38 -3.35 18.58
N LEU A 186 9.00 -2.08 18.55
N LEU A 186 9.00 -2.08 18.55
CA LEU A 186 9.89 -1.00 18.96
CA LEU A 186 9.89 -1.01 18.97
C LEU A 186 10.33 -1.20 20.41
C LEU A 186 10.34 -1.20 20.42
N GLU A 187 9.41 -1.61 21.26
CA GLU A 187 9.72 -1.87 22.66
C GLU A 187 10.71 -3.04 22.82
N LYS A 188 10.46 -4.14 22.10
CA LYS A 188 11.35 -5.30 22.15
C LYS A 188 12.76 -4.96 21.68
N GLU A 189 12.85 -4.14 20.65
CA GLU A 189 14.16 -3.83 20.05
C GLU A 189 14.93 -2.74 20.77
N CYS A 190 14.25 -1.70 21.23
N CYS A 190 14.21 -1.73 21.26
CA CYS A 190 14.97 -0.55 21.79
CA CYS A 190 14.85 -0.52 21.74
C CYS A 190 14.62 -0.24 23.24
C CYS A 190 14.57 -0.23 23.21
N GLY A 191 13.69 -1.01 23.81
CA GLY A 191 13.39 -0.89 25.23
C GLY A 191 12.49 0.28 25.59
N VAL A 192 11.99 1.00 24.60
CA VAL A 192 11.12 2.14 24.89
CA VAL A 192 11.12 2.14 24.86
C VAL A 192 9.65 1.74 24.77
N VAL A 193 8.88 2.10 25.77
CA VAL A 193 7.46 1.82 25.82
C VAL A 193 6.70 3.04 25.30
N ILE A 194 5.80 2.85 24.35
CA ILE A 194 5.10 3.99 23.75
C ILE A 194 3.60 3.75 23.61
N GLU A 195 2.84 4.84 23.57
CA GLU A 195 1.42 4.81 23.24
C GLU A 195 1.21 4.46 21.77
N GLY A 196 -0.02 4.11 21.41
CA GLY A 196 -0.41 3.90 20.02
C GLY A 196 -0.91 2.50 19.78
N VAL A 197 -1.69 2.36 18.71
CA VAL A 197 -2.25 1.07 18.32
C VAL A 197 -1.99 0.85 16.83
N ASN A 198 -2.36 -0.33 16.35
CA ASN A 198 -1.93 -0.85 15.06
C ASN A 198 -3.00 -1.82 14.59
N THR A 199 -4.02 -1.34 13.87
CA THR A 199 -5.14 -2.19 13.38
C THR A 199 -5.30 -2.18 11.84
N PRO A 200 -5.96 -3.21 11.28
CA PRO A 200 -6.04 -3.29 9.82
C PRO A 200 -7.06 -2.34 9.17
N TYR A 201 -6.88 -2.13 7.86
N TYR A 201 -6.90 -2.16 7.86
CA TYR A 201 -7.76 -1.35 7.00
CA TYR A 201 -7.83 -1.37 7.06
C TYR A 201 -8.41 -2.24 5.94
C TYR A 201 -8.37 -2.17 5.87
N LEU A 202 -9.63 -1.91 5.55
CA LEU A 202 -10.28 -2.51 4.39
C LEU A 202 -10.31 -1.51 3.23
N TYR A 203 -10.23 -2.05 2.02
CA TYR A 203 -10.25 -1.29 0.77
C TYR A 203 -11.25 -1.94 -0.16
N PHE A 204 -12.24 -1.19 -0.63
CA PHE A 204 -13.15 -1.69 -1.65
C PHE A 204 -12.86 -0.95 -2.95
N GLY A 205 -12.51 -1.68 -4.01
CA GLY A 205 -12.09 -1.04 -5.25
C GLY A 205 -12.98 -1.38 -6.42
N MET A 206 -12.77 -0.66 -7.52
CA MET A 206 -13.47 -0.91 -8.78
C MET A 206 -12.46 -0.70 -9.92
N TRP A 207 -12.87 -0.97 -11.14
CA TRP A 207 -12.00 -0.74 -12.30
C TRP A 207 -11.41 0.67 -12.27
N LYS A 208 -10.09 0.73 -12.49
CA LYS A 208 -9.30 1.97 -12.59
C LYS A 208 -9.03 2.66 -11.25
N THR A 209 -9.57 2.17 -10.14
CA THR A 209 -9.19 2.64 -8.83
CA THR A 209 -9.18 2.77 -8.87
C THR A 209 -7.68 2.53 -8.69
N THR A 210 -7.03 3.56 -8.16
CA THR A 210 -5.59 3.74 -8.28
C THR A 210 -4.90 4.03 -6.97
N PHE A 211 -3.79 3.38 -6.70
CA PHE A 211 -2.96 3.82 -5.58
CA PHE A 211 -2.92 3.73 -5.58
C PHE A 211 -1.65 4.41 -6.12
N ALA A 212 -1.40 5.64 -5.69
CA ALA A 212 -0.28 6.44 -6.15
C ALA A 212 1.06 5.93 -5.63
N TRP A 213 2.14 6.38 -6.27
CA TRP A 213 3.51 6.00 -5.86
C TRP A 213 3.79 6.43 -4.41
N HIS A 214 4.18 5.47 -3.57
CA HIS A 214 4.46 5.79 -2.17
C HIS A 214 5.29 4.69 -1.52
N THR A 215 5.97 5.04 -0.42
CA THR A 215 6.38 4.05 0.58
C THR A 215 5.44 4.15 1.77
N GLU A 216 5.53 3.21 2.70
CA GLU A 216 4.65 3.25 3.86
C GLU A 216 5.06 4.34 4.83
N ASP A 217 4.13 4.71 5.72
CA ASP A 217 4.44 5.58 6.85
C ASP A 217 5.70 5.06 7.55
N MET A 218 6.67 5.94 7.84
CA MET A 218 7.90 5.57 8.55
CA MET A 218 7.89 5.57 8.54
C MET A 218 8.69 4.50 7.81
N ASP A 219 8.42 4.34 6.51
CA ASP A 219 9.01 3.28 5.67
C ASP A 219 8.86 1.88 6.30
N LEU A 220 7.69 1.66 6.90
CA LEU A 220 7.31 0.35 7.43
C LEU A 220 7.08 -0.71 6.34
N TYR A 221 6.97 -1.96 6.75
CA TYR A 221 6.42 -2.99 5.87
C TYR A 221 4.91 -2.79 5.75
N SER A 222 4.34 -3.35 4.69
CA SER A 222 2.89 -3.58 4.69
CA SER A 222 2.90 -3.55 4.64
C SER A 222 2.60 -4.98 4.22
N ILE A 223 1.44 -5.48 4.61
CA ILE A 223 0.96 -6.76 4.09
C ILE A 223 -0.50 -6.55 3.67
N ASN A 224 -0.83 -7.10 2.51
CA ASN A 224 -2.09 -6.89 1.82
C ASN A 224 -2.68 -8.22 1.39
N TYR A 225 -3.89 -8.52 1.85
CA TYR A 225 -4.61 -9.73 1.46
C TYR A 225 -5.78 -9.37 0.56
N LEU A 226 -5.84 -9.95 -0.64
CA LEU A 226 -6.97 -9.71 -1.53
C LEU A 226 -8.07 -10.72 -1.19
N HIS A 227 -9.08 -10.27 -0.45
CA HIS A 227 -10.12 -11.17 0.04
C HIS A 227 -11.03 -11.73 -1.06
N LEU A 228 -11.40 -10.88 -2.01
N LEU A 228 -11.39 -10.89 -2.01
CA LEU A 228 -12.54 -11.16 -2.88
CA LEU A 228 -12.38 -11.28 -2.99
C LEU A 228 -12.53 -10.30 -4.15
C LEU A 228 -12.31 -10.39 -4.21
N GLY A 229 -12.89 -10.90 -5.28
CA GLY A 229 -13.12 -10.13 -6.50
C GLY A 229 -12.00 -10.12 -7.51
N GLU A 230 -11.93 -9.04 -8.27
CA GLU A 230 -11.03 -8.93 -9.41
C GLU A 230 -9.61 -8.56 -8.96
N PRO A 231 -8.62 -8.77 -9.85
CA PRO A 231 -7.22 -8.58 -9.43
C PRO A 231 -6.79 -7.13 -9.14
N LYS A 232 -5.56 -7.05 -8.61
CA LYS A 232 -4.88 -5.79 -8.35
CA LYS A 232 -4.88 -5.77 -8.43
C LYS A 232 -3.49 -5.89 -9.01
N THR A 233 -3.13 -4.96 -9.90
CA THR A 233 -1.79 -4.94 -10.49
C THR A 233 -0.91 -3.95 -9.72
N TRP A 234 0.30 -4.41 -9.39
CA TRP A 234 1.29 -3.66 -8.62
C TRP A 234 2.51 -3.33 -9.45
N TYR A 235 3.08 -2.14 -9.20
CA TYR A 235 4.39 -1.74 -9.69
C TYR A 235 5.28 -1.43 -8.48
N VAL A 236 6.57 -1.75 -8.55
CA VAL A 236 7.44 -1.55 -7.39
C VAL A 236 8.87 -1.23 -7.81
N VAL A 237 9.51 -0.30 -7.10
CA VAL A 237 10.92 0.03 -7.29
C VAL A 237 11.74 -0.60 -6.16
N PRO A 238 12.85 -1.29 -6.49
CA PRO A 238 13.70 -1.85 -5.43
C PRO A 238 14.10 -0.78 -4.41
N PRO A 239 14.07 -1.12 -3.10
CA PRO A 239 14.47 -0.13 -2.10
C PRO A 239 15.86 0.48 -2.36
N GLU A 240 16.81 -0.29 -2.88
CA GLU A 240 18.14 0.25 -3.10
C GLU A 240 18.15 1.32 -4.21
N HIS A 241 17.06 1.41 -4.97
CA HIS A 241 16.93 2.39 -6.06
C HIS A 241 15.84 3.44 -5.84
N GLY A 242 15.30 3.52 -4.62
CA GLY A 242 14.22 4.45 -4.36
C GLY A 242 14.54 5.89 -4.68
N GLN A 243 15.78 6.30 -4.46
CA GLN A 243 16.15 7.70 -4.71
CA GLN A 243 16.16 7.69 -4.71
C GLN A 243 16.08 8.04 -6.20
N ARG A 244 16.24 7.05 -7.07
CA ARG A 244 16.10 7.28 -8.51
C ARG A 244 14.66 7.65 -8.85
N LEU A 245 13.69 6.97 -8.23
CA LEU A 245 12.29 7.32 -8.44
C LEU A 245 12.01 8.73 -7.88
N GLU A 246 12.56 9.05 -6.72
CA GLU A 246 12.37 10.38 -6.12
C GLU A 246 12.90 11.48 -7.04
N ARG A 247 14.08 11.26 -7.63
CA ARG A 247 14.65 12.26 -8.52
C ARG A 247 13.78 12.46 -9.77
N LEU A 248 13.27 11.38 -10.35
CA LEU A 248 12.39 11.52 -11.50
C LEU A 248 11.10 12.25 -11.11
N ALA A 249 10.54 11.90 -9.94
CA ALA A 249 9.33 12.55 -9.50
C ALA A 249 9.52 14.06 -9.34
N ARG A 250 10.67 14.48 -8.83
N ARG A 250 10.67 14.48 -8.81
CA ARG A 250 10.95 15.91 -8.67
CA ARG A 250 10.95 15.91 -8.67
C ARG A 250 11.03 16.63 -10.02
C ARG A 250 10.95 16.60 -10.03
N GLU A 251 11.50 15.91 -11.04
CA GLU A 251 11.55 16.45 -12.40
C GLU A 251 10.16 16.52 -13.03
N LEU A 252 9.33 15.51 -12.79
CA LEU A 252 8.02 15.41 -13.43
C LEU A 252 6.92 16.22 -12.75
N PHE A 253 7.10 16.51 -11.46
CA PHE A 253 6.12 17.29 -10.69
C PHE A 253 6.85 18.45 -10.02
N PRO A 254 7.34 19.40 -10.83
CA PRO A 254 8.28 20.40 -10.29
C PRO A 254 7.64 21.35 -9.25
N GLY A 255 6.40 21.77 -9.46
CA GLY A 255 5.72 22.62 -8.50
C GLY A 255 5.51 21.91 -7.17
N SER A 256 5.10 20.65 -7.23
CA SER A 256 4.90 19.86 -6.00
C SER A 256 6.20 19.73 -5.23
N SER A 257 7.29 19.50 -5.94
CA SER A 257 8.60 19.36 -5.32
C SER A 257 9.04 20.64 -4.62
N ARG A 258 8.79 21.79 -5.23
CA ARG A 258 9.12 23.07 -4.59
C ARG A 258 8.30 23.28 -3.31
N GLY A 259 7.08 22.78 -3.31
CA GLY A 259 6.18 22.92 -2.17
C GLY A 259 6.51 22.03 -0.98
N CYS A 260 7.14 20.89 -1.24
CA CYS A 260 7.44 19.94 -0.17
C CYS A 260 8.58 19.00 -0.56
N GLY A 261 9.56 18.87 0.33
CA GLY A 261 10.72 18.03 0.08
C GLY A 261 10.44 16.54 0.17
N ALA A 262 9.21 16.19 0.51
CA ALA A 262 8.79 14.79 0.58
C ALA A 262 7.37 14.62 0.02
N PHE A 263 7.11 15.23 -1.13
CA PHE A 263 5.72 15.30 -1.61
C PHE A 263 5.14 13.94 -2.02
N LEU A 264 5.97 12.92 -2.24
CA LEU A 264 5.37 11.60 -2.52
C LEU A 264 4.60 11.08 -1.30
N ARG A 265 4.90 11.60 -0.11
CA ARG A 265 4.12 11.32 1.10
C ARG A 265 2.65 11.73 0.95
N HIS A 266 2.36 12.62 0.00
CA HIS A 266 0.98 13.07 -0.21
C HIS A 266 0.15 12.00 -0.91
N LYS A 267 0.82 11.03 -1.54
CA LYS A 267 0.18 9.90 -2.20
C LYS A 267 -0.83 10.34 -3.27
N VAL A 268 -0.37 11.18 -4.20
CA VAL A 268 -1.23 11.60 -5.29
C VAL A 268 -0.57 11.53 -6.69
N ALA A 269 0.69 11.10 -6.77
CA ALA A 269 1.41 11.13 -8.06
C ALA A 269 1.49 9.78 -8.75
N LEU A 270 1.18 9.76 -10.05
CA LEU A 270 1.29 8.53 -10.87
C LEU A 270 2.26 8.73 -12.03
N ILE A 271 3.06 7.70 -12.28
CA ILE A 271 4.00 7.65 -13.39
C ILE A 271 3.85 6.26 -14.00
N SER A 272 3.64 6.18 -15.31
CA SER A 272 3.39 4.90 -15.99
C SER A 272 4.66 4.06 -16.18
N PRO A 273 4.50 2.73 -16.40
CA PRO A 273 5.69 1.92 -16.68
C PRO A 273 6.44 2.38 -17.94
N THR A 274 5.71 2.90 -18.93
CA THR A 274 6.37 3.40 -20.13
C THR A 274 7.29 4.59 -19.80
N VAL A 275 6.80 5.51 -18.98
CA VAL A 275 7.62 6.65 -18.61
C VAL A 275 8.79 6.23 -17.70
N LEU A 276 8.57 5.28 -16.80
CA LEU A 276 9.67 4.78 -15.98
C LEU A 276 10.78 4.18 -16.87
N LYS A 277 10.37 3.36 -17.85
CA LYS A 277 11.34 2.75 -18.77
C LYS A 277 12.10 3.81 -19.57
N GLU A 278 11.39 4.82 -20.06
CA GLU A 278 12.00 5.91 -20.83
C GLU A 278 13.09 6.61 -20.04
N ASN A 279 12.93 6.65 -18.72
CA ASN A 279 13.85 7.35 -17.84
C ASN A 279 14.80 6.42 -17.09
N GLY A 280 14.83 5.15 -17.49
CA GLY A 280 15.78 4.20 -16.92
C GLY A 280 15.57 3.89 -15.45
N ILE A 281 14.35 4.03 -14.95
CA ILE A 281 14.08 3.70 -13.54
C ILE A 281 13.85 2.19 -13.37
N PRO A 282 14.63 1.55 -12.51
CA PRO A 282 14.41 0.11 -12.30
C PRO A 282 13.10 -0.15 -11.58
N PHE A 283 12.30 -1.08 -12.09
CA PHE A 283 11.03 -1.44 -11.45
C PHE A 283 10.59 -2.82 -11.92
N ASN A 284 9.61 -3.36 -11.21
CA ASN A 284 8.98 -4.61 -11.61
C ASN A 284 7.47 -4.48 -11.45
N ARG A 285 6.74 -5.44 -12.02
CA ARG A 285 5.29 -5.47 -11.92
C ARG A 285 4.79 -6.88 -11.69
N ILE A 286 3.62 -6.99 -11.06
CA ILE A 286 2.99 -8.29 -10.84
C ILE A 286 1.51 -8.09 -10.57
N THR A 287 0.68 -9.07 -10.91
CA THR A 287 -0.74 -9.00 -10.64
C THR A 287 -1.11 -9.97 -9.51
N GLN A 288 -1.77 -9.41 -8.49
CA GLN A 288 -2.28 -10.14 -7.33
C GLN A 288 -3.72 -10.59 -7.57
N GLU A 289 -4.03 -11.85 -7.31
CA GLU A 289 -5.39 -12.36 -7.46
C GLU A 289 -6.02 -12.69 -6.10
N ALA A 290 -7.34 -12.86 -6.08
CA ALA A 290 -8.04 -13.15 -4.85
C ALA A 290 -7.44 -14.38 -4.17
N GLY A 291 -7.28 -14.30 -2.86
CA GLY A 291 -6.70 -15.41 -2.09
C GLY A 291 -5.20 -15.31 -1.90
N GLU A 292 -4.57 -14.25 -2.40
CA GLU A 292 -3.12 -14.09 -2.32
C GLU A 292 -2.71 -12.91 -1.44
N PHE A 293 -1.61 -13.08 -0.71
CA PHE A 293 -0.97 -12.00 0.04
C PHE A 293 0.14 -11.32 -0.76
N MET A 294 0.28 -10.02 -0.57
CA MET A 294 1.48 -9.28 -0.99
C MET A 294 2.12 -8.65 0.23
N VAL A 295 3.44 -8.66 0.29
CA VAL A 295 4.18 -7.92 1.32
C VAL A 295 5.02 -6.86 0.63
N THR A 296 4.93 -5.61 1.10
CA THR A 296 5.88 -4.58 0.68
C THR A 296 6.92 -4.40 1.79
N PHE A 297 8.15 -4.14 1.37
CA PHE A 297 9.30 -4.08 2.27
C PHE A 297 9.71 -2.62 2.50
N PRO A 298 10.41 -2.35 3.62
CA PRO A 298 10.80 -0.97 3.94
C PRO A 298 11.43 -0.22 2.77
N TYR A 299 10.89 0.95 2.48
CA TYR A 299 11.37 1.88 1.45
C TYR A 299 11.22 1.30 0.03
N GLY A 300 10.28 0.35 -0.14
CA GLY A 300 9.90 -0.11 -1.47
C GLY A 300 8.75 0.70 -2.03
N TYR A 301 9.05 1.65 -2.92
CA TYR A 301 8.00 2.45 -3.55
C TYR A 301 7.08 1.54 -4.37
N HIS A 302 5.77 1.74 -4.25
CA HIS A 302 4.82 0.97 -5.02
C HIS A 302 3.62 1.80 -5.43
N ALA A 303 2.94 1.34 -6.49
CA ALA A 303 1.75 1.97 -7.05
C ALA A 303 0.96 0.87 -7.73
N GLY A 304 -0.29 1.14 -8.12
CA GLY A 304 -1.04 0.13 -8.86
C GLY A 304 -2.49 0.47 -9.07
N PHE A 305 -3.24 -0.51 -9.55
CA PHE A 305 -4.64 -0.28 -9.89
C PHE A 305 -5.45 -1.57 -9.75
N ASN A 306 -6.75 -1.39 -9.55
CA ASN A 306 -7.67 -2.52 -9.47
C ASN A 306 -8.34 -2.82 -10.81
N HIS A 307 -8.58 -4.10 -11.08
CA HIS A 307 -9.14 -4.55 -12.34
C HIS A 307 -10.67 -4.44 -12.41
N GLY A 308 -11.33 -4.37 -11.25
CA GLY A 308 -12.77 -4.47 -11.16
C GLY A 308 -13.14 -4.49 -9.69
N PHE A 309 -14.41 -4.78 -9.37
CA PHE A 309 -14.83 -4.80 -7.98
C PHE A 309 -13.99 -5.77 -7.16
N ASN A 310 -13.44 -5.30 -6.05
CA ASN A 310 -12.71 -6.19 -5.15
C ASN A 310 -12.67 -5.64 -3.74
N CYS A 311 -12.16 -6.47 -2.83
CA CYS A 311 -11.97 -6.08 -1.44
C CYS A 311 -10.63 -6.61 -0.94
N ALA A 312 -9.81 -5.70 -0.43
CA ALA A 312 -8.52 -6.05 0.15
C ALA A 312 -8.45 -5.58 1.60
N GLU A 313 -7.58 -6.22 2.37
CA GLU A 313 -7.30 -5.82 3.76
C GLU A 313 -5.80 -5.65 3.90
N ALA A 314 -5.37 -4.58 4.55
CA ALA A 314 -3.93 -4.33 4.68
C ALA A 314 -3.59 -3.73 6.03
N ILE A 315 -2.35 -3.93 6.46
CA ILE A 315 -1.85 -3.36 7.70
C ILE A 315 -0.34 -3.18 7.61
N ASN A 316 0.19 -2.21 8.35
CA ASN A 316 1.63 -2.06 8.48
C ASN A 316 2.18 -2.96 9.57
N PHE A 317 3.42 -3.42 9.40
CA PHE A 317 4.10 -4.16 10.45
C PHE A 317 5.59 -3.86 10.40
N ALA A 318 6.29 -4.29 11.44
CA ALA A 318 7.73 -4.06 11.58
C ALA A 318 8.46 -5.35 11.93
N THR A 319 9.77 -5.34 11.66
CA THR A 319 10.71 -6.39 12.07
C THR A 319 11.95 -5.68 12.62
N PRO A 320 12.91 -6.43 13.20
CA PRO A 320 14.13 -5.74 13.64
C PRO A 320 14.85 -4.99 12.50
N ARG A 321 14.82 -5.53 11.28
CA ARG A 321 15.51 -4.88 10.17
C ARG A 321 14.87 -3.54 9.78
N TRP A 322 13.60 -3.34 10.12
CA TRP A 322 12.95 -2.07 9.81
C TRP A 322 13.52 -0.88 10.58
N ILE A 323 14.02 -1.10 11.80
CA ILE A 323 14.33 0.02 12.69
C ILE A 323 15.24 1.06 12.00
N ASP A 324 16.27 0.62 11.30
CA ASP A 324 17.15 1.56 10.64
C ASP A 324 16.47 2.35 9.51
N TYR A 325 15.52 1.73 8.82
CA TYR A 325 14.73 2.45 7.83
C TYR A 325 13.84 3.50 8.49
N GLY A 326 13.23 3.15 9.63
CA GLY A 326 12.40 4.11 10.33
C GLY A 326 13.17 5.35 10.75
N LYS A 327 14.42 5.15 11.19
CA LYS A 327 15.29 6.25 11.59
C LYS A 327 15.59 7.21 10.43
N MET A 328 15.61 6.68 9.22
CA MET A 328 16.04 7.42 8.03
CA MET A 328 16.03 7.48 8.07
C MET A 328 14.88 7.92 7.16
N ALA A 329 13.65 7.59 7.55
CA ALA A 329 12.50 7.90 6.71
C ALA A 329 12.34 9.40 6.49
N SER A 330 12.13 9.81 5.23
N SER A 330 12.13 9.78 5.24
CA SER A 330 11.91 11.21 4.91
CA SER A 330 11.80 11.15 4.91
C SER A 330 10.46 11.61 5.20
C SER A 330 10.47 11.50 5.55
N GLN A 331 10.27 12.78 5.83
CA GLN A 331 8.97 13.20 6.31
C GLN A 331 8.43 14.44 5.61
N CYS A 332 7.11 14.46 5.46
CA CYS A 332 6.40 15.65 5.02
C CYS A 332 6.03 16.51 6.23
N SER A 333 6.33 17.80 6.15
CA SER A 333 5.99 18.73 7.22
C SER A 333 5.15 19.89 6.70
N CYS A 334 4.68 19.79 5.45
CA CYS A 334 3.96 20.90 4.81
C CYS A 334 2.47 20.88 5.15
N GLY A 335 2.01 19.79 5.75
CA GLY A 335 0.62 19.68 6.14
C GLY A 335 -0.27 18.79 5.30
N GLU A 336 0.22 18.37 4.14
N GLU A 336 0.25 18.35 4.16
CA GLU A 336 -0.64 17.58 3.27
CA GLU A 336 -0.53 17.54 3.23
C GLU A 336 -0.75 16.14 3.74
C GLU A 336 -0.32 16.03 3.38
N ALA A 337 0.34 15.61 4.32
N ALA A 337 0.28 15.62 4.50
CA ALA A 337 0.39 14.21 4.74
CA ALA A 337 0.42 14.20 4.79
C ALA A 337 0.01 14.02 6.21
C ALA A 337 -0.02 13.91 6.22
N ARG A 338 -1.23 14.32 6.55
CA ARG A 338 -1.76 14.07 7.89
C ARG A 338 -1.95 12.56 8.05
N VAL A 339 -1.50 12.05 9.19
CA VAL A 339 -1.59 10.61 9.45
C VAL A 339 -2.09 10.29 10.85
N THR A 340 -2.10 8.99 11.14
N THR A 340 -2.24 9.01 11.15
CA THR A 340 -2.57 8.43 12.40
CA THR A 340 -2.75 8.59 12.45
C THR A 340 -1.96 9.07 13.64
C THR A 340 -1.84 9.04 13.59
N PHE A 341 -2.69 8.93 14.75
N PHE A 341 -2.41 9.31 14.76
CA PHE A 341 -2.24 9.36 16.07
CA PHE A 341 -1.59 9.73 15.89
C PHE A 341 -0.99 8.58 16.49
C PHE A 341 -0.62 8.64 16.33
N SER A 342 -0.84 7.39 15.93
CA SER A 342 0.12 6.33 16.22
CA SER A 342 0.16 6.44 16.36
C SER A 342 1.53 6.66 15.71
N MET A 343 1.60 7.45 14.64
CA MET A 343 2.89 7.80 14.03
CA MET A 343 2.91 7.73 14.07
C MET A 343 3.71 8.74 14.90
N ASP A 344 3.03 9.51 15.76
CA ASP A 344 3.71 10.49 16.61
C ASP A 344 4.89 9.89 17.37
N ALA A 345 4.64 8.79 18.06
CA ALA A 345 5.67 8.16 18.87
C ALA A 345 6.84 7.68 18.04
N PHE A 346 6.57 7.22 16.82
N PHE A 346 6.60 7.25 16.80
CA PHE A 346 7.63 6.74 15.93
CA PHE A 346 7.72 6.75 16.00
C PHE A 346 8.60 7.89 15.64
C PHE A 346 8.64 7.87 15.53
N VAL A 347 8.07 9.03 15.20
CA VAL A 347 8.90 10.19 14.88
C VAL A 347 9.59 10.69 16.16
N ARG A 348 8.84 10.75 17.26
CA ARG A 348 9.36 11.27 18.51
C ARG A 348 10.58 10.50 19.00
N ILE A 349 10.52 9.18 18.92
CA ILE A 349 11.59 8.33 19.41
C ILE A 349 12.70 8.10 18.36
N LEU A 350 12.33 7.79 17.12
CA LEU A 350 13.35 7.47 16.12
C LEU A 350 13.96 8.70 15.46
N GLN A 351 13.23 9.82 15.43
N GLN A 351 13.22 9.80 15.39
CA GLN A 351 13.68 11.02 14.71
CA GLN A 351 13.74 11.00 14.73
C GLN A 351 13.51 12.29 15.54
C GLN A 351 13.46 12.24 15.58
N PRO A 352 14.07 12.32 16.77
CA PRO A 352 13.82 13.47 17.65
C PRO A 352 14.21 14.82 17.03
N GLU A 353 15.23 14.90 16.18
CA GLU A 353 15.60 16.17 15.55
CA GLU A 353 15.58 16.19 15.58
C GLU A 353 14.49 16.68 14.62
N ARG A 354 13.78 15.76 13.98
CA ARG A 354 12.75 16.12 13.01
C ARG A 354 11.38 16.32 13.61
N TYR A 355 11.23 15.93 14.87
CA TYR A 355 9.90 15.83 15.51
C TYR A 355 9.13 17.15 15.55
N ASP A 356 9.78 18.22 16.03
CA ASP A 356 9.11 19.51 16.16
CA ASP A 356 9.12 19.52 16.15
C ASP A 356 8.52 19.99 14.83
N LEU A 357 9.33 19.95 13.78
CA LEU A 357 8.90 20.38 12.46
C LEU A 357 7.75 19.52 11.93
N TRP A 358 7.89 18.20 12.07
CA TRP A 358 6.86 17.29 11.58
C TRP A 358 5.54 17.47 12.32
N LYS A 359 5.62 17.62 13.63
CA LYS A 359 4.42 17.76 14.47
C LYS A 359 3.65 19.01 14.12
N ARG A 360 4.36 20.08 13.78
CA ARG A 360 3.73 21.32 13.35
C ARG A 360 2.91 21.09 12.09
N GLY A 361 3.40 20.19 11.23
CA GLY A 361 2.70 19.84 10.01
C GLY A 361 1.47 18.99 10.24
N GLN A 362 1.41 18.33 11.40
CA GLN A 362 0.28 17.48 11.74
C GLN A 362 -0.85 18.28 12.38
N ASP A 363 -0.55 19.51 12.78
CA ASP A 363 -1.54 20.35 13.44
C ASP A 363 -2.49 20.98 12.42
#